data_4PYH
#
_entry.id   4PYH
#
_cell.length_a   33.475
_cell.length_b   77.893
_cell.length_c   117.213
_cell.angle_alpha   90.00
_cell.angle_beta   90.00
_cell.angle_gamma   90.00
#
_symmetry.space_group_name_H-M   'P 21 21 21'
#
loop_
_entity.id
_entity.type
_entity.pdbx_description
1 polymer 'Phosphoglucan phosphatase DSP4, chloroplastic'
2 branched alpha-D-glucopyranose-(1-4)-alpha-D-glucopyranose-(1-4)-alpha-D-glucopyranose-(1-4)-alpha-D-glucopyranose-(1-4)-alpha-D-glucopyranose-(1-4)-alpha-D-glucopyranose
3 non-polymer 'MAGNESIUM ION'
4 non-polymer 'PHOSPHATE ION'
5 non-polymer GLYCEROL
6 water water
#
_entity_poly.entity_id   1
_entity_poly.type   'polypeptide(L)'
_entity_poly.pdbx_seq_one_letter_code
;GSHMYRHELGMNYNFIRPDLIVGSCLQTPEDVDKLRKIGVKTIFCLQQDPDLEYFGVDISSIQAYAKKYSDIQHIRCEIR
DFDAFDLRMRLPAVVGTLYKAVKRNGGVTYVHSTAGMGRAPAVALTYMFWVQGYKLMEAHKLLMSKRSCFPKLDAIRNAT
IDILTGLKRKTVTLTLKDKGFSRVEISGLDIGWGQRIPLTLDKGTGFWILKRELPEGQFEYKYIIDGEWTHNEAEPFIGP
NKDGHTNNYAKVVDDPTSVDGTTRERLSSEDPELLEEERSKLIQFLETCSEAEV
;
_entity_poly.pdbx_strand_id   A
#
# COMPACT_ATOMS: atom_id res chain seq x y z
N GLY A 1 11.24 11.17 -8.02
CA GLY A 1 11.38 10.80 -9.46
C GLY A 1 10.82 9.43 -9.77
N SER A 2 10.94 9.03 -11.02
CA SER A 2 10.25 7.86 -11.49
C SER A 2 10.99 6.57 -11.14
N HIS A 3 12.32 6.56 -11.27
CA HIS A 3 13.09 5.32 -11.07
C HIS A 3 14.27 5.58 -10.15
N MET A 4 14.03 5.43 -8.86
CA MET A 4 15.03 5.75 -7.86
C MET A 4 15.65 4.54 -7.19
N TYR A 5 15.08 3.35 -7.39
CA TYR A 5 15.64 2.18 -6.69
C TYR A 5 16.83 1.65 -7.46
N ARG A 6 17.92 1.42 -6.75
N ARG A 6 17.95 1.46 -6.76
CA ARG A 6 19.14 0.89 -7.35
CA ARG A 6 19.16 0.90 -7.37
C ARG A 6 19.55 -0.39 -6.64
C ARG A 6 19.55 -0.38 -6.64
N HIS A 7 19.06 -1.51 -7.13
CA HIS A 7 19.26 -2.82 -6.46
C HIS A 7 20.74 -3.13 -6.31
N GLU A 8 21.52 -2.73 -7.32
CA GLU A 8 22.94 -3.01 -7.35
C GLU A 8 23.76 -2.35 -6.23
N LEU A 9 23.20 -1.34 -5.55
CA LEU A 9 23.85 -0.70 -4.42
C LEU A 9 23.56 -1.41 -3.10
N GLY A 10 22.81 -2.52 -3.17
CA GLY A 10 22.55 -3.36 -2.00
C GLY A 10 21.45 -2.86 -1.09
N MET A 11 21.15 -3.67 -0.08
CA MET A 11 20.10 -3.37 0.90
C MET A 11 20.37 -2.02 1.55
N ASN A 12 19.36 -1.18 1.60
CA ASN A 12 19.51 0.13 2.23
C ASN A 12 18.31 0.39 3.12
N TYR A 13 18.47 1.22 4.14
CA TYR A 13 17.46 1.37 5.16
C TYR A 13 17.77 2.56 6.05
N ASN A 14 16.74 2.99 6.75
CA ASN A 14 16.86 4.09 7.74
C ASN A 14 16.09 3.77 9.02
N PHE A 15 16.70 4.13 10.15
CA PHE A 15 15.99 4.13 11.42
C PHE A 15 14.98 5.26 11.41
N ILE A 16 13.71 4.94 11.61
CA ILE A 16 12.66 5.96 11.75
C ILE A 16 12.58 6.34 13.23
N ARG A 17 12.66 5.30 14.06
CA ARG A 17 12.81 5.36 15.50
C ARG A 17 13.91 4.36 15.83
N PRO A 18 14.48 4.40 17.04
CA PRO A 18 15.48 3.38 17.42
C PRO A 18 15.00 1.93 17.30
N ASP A 19 13.69 1.70 17.45
CA ASP A 19 13.10 0.38 17.38
C ASP A 19 12.44 0.04 16.04
N LEU A 20 12.52 0.94 15.06
CA LEU A 20 11.77 0.78 13.81
C LEU A 20 12.55 1.23 12.60
N ILE A 21 12.86 0.27 11.74
CA ILE A 21 13.61 0.53 10.51
C ILE A 21 12.66 0.31 9.32
N VAL A 22 12.77 1.21 8.35
CA VAL A 22 12.15 1.03 7.02
C VAL A 22 13.29 0.85 6.02
N GLY A 23 13.23 -0.24 5.26
CA GLY A 23 14.30 -0.55 4.33
C GLY A 23 13.88 -1.24 3.04
N SER A 24 14.87 -1.42 2.17
CA SER A 24 14.69 -2.14 0.92
C SER A 24 14.89 -3.62 1.17
N CYS A 25 14.67 -4.43 0.13
CA CYS A 25 14.67 -5.87 0.32
C CYS A 25 16.04 -6.43 0.71
N LEU A 26 16.01 -7.50 1.49
CA LEU A 26 17.19 -8.31 1.67
C LEU A 26 17.50 -8.97 0.33
N GLN A 27 18.78 -9.06 0.01
CA GLN A 27 19.20 -9.54 -1.31
C GLN A 27 19.85 -10.91 -1.25
N THR A 28 20.44 -11.24 -0.11
CA THR A 28 21.17 -12.48 0.07
C THR A 28 20.94 -12.95 1.50
N PRO A 29 21.20 -14.23 1.79
CA PRO A 29 21.21 -14.70 3.17
C PRO A 29 22.13 -13.89 4.08
N GLU A 30 23.26 -13.39 3.58
CA GLU A 30 24.18 -12.66 4.43
C GLU A 30 23.58 -11.35 4.93
N ASP A 31 22.53 -10.83 4.28
CA ASP A 31 21.88 -9.61 4.76
C ASP A 31 21.17 -9.85 6.09
N VAL A 32 20.81 -11.11 6.37
CA VAL A 32 20.27 -11.47 7.69
C VAL A 32 21.33 -11.21 8.78
N ASP A 33 22.57 -11.60 8.50
CA ASP A 33 23.69 -11.31 9.42
C ASP A 33 23.83 -9.80 9.71
N LYS A 34 23.69 -8.97 8.67
N LYS A 34 23.70 -8.97 8.67
CA LYS A 34 23.78 -7.52 8.84
CA LYS A 34 23.77 -7.52 8.87
C LYS A 34 22.70 -6.96 9.80
C LYS A 34 22.73 -7.06 9.89
N LEU A 35 21.50 -7.53 9.73
CA LEU A 35 20.40 -7.07 10.58
C LEU A 35 20.53 -7.61 12.01
N ARG A 36 21.01 -8.84 12.17
CA ARG A 36 21.20 -9.37 13.50
C ARG A 36 22.21 -8.53 14.27
N LYS A 37 23.24 -8.07 13.58
CA LYS A 37 24.29 -7.24 14.17
C LYS A 37 23.79 -5.90 14.74
N ILE A 38 22.68 -5.35 14.19
CA ILE A 38 22.07 -4.12 14.73
C ILE A 38 20.82 -4.37 15.58
N GLY A 39 20.65 -5.59 16.04
CA GLY A 39 19.62 -5.90 17.01
C GLY A 39 18.22 -6.09 16.45
N VAL A 40 18.13 -6.36 15.14
CA VAL A 40 16.84 -6.66 14.52
C VAL A 40 16.36 -8.04 14.99
N LYS A 41 15.15 -8.09 15.53
CA LYS A 41 14.56 -9.34 15.94
C LYS A 41 13.40 -9.80 15.07
N THR A 42 12.90 -8.90 14.21
CA THR A 42 11.85 -9.25 13.23
C THR A 42 12.18 -8.64 11.87
N ILE A 43 12.17 -9.49 10.85
CA ILE A 43 12.26 -9.04 9.45
C ILE A 43 10.88 -9.23 8.85
N PHE A 44 10.24 -8.12 8.51
CA PHE A 44 8.86 -8.09 8.07
C PHE A 44 8.81 -7.73 6.60
N CYS A 45 8.69 -8.77 5.77
CA CYS A 45 8.85 -8.69 4.32
C CYS A 45 7.48 -8.57 3.62
N LEU A 46 7.29 -7.52 2.85
CA LEU A 46 6.02 -7.26 2.16
C LEU A 46 5.97 -7.65 0.70
N GLN A 47 7.07 -8.21 0.20
CA GLN A 47 7.17 -8.49 -1.23
C GLN A 47 6.37 -9.69 -1.69
N GLN A 48 5.93 -9.61 -2.95
CA GLN A 48 5.37 -10.77 -3.65
C GLN A 48 6.45 -11.45 -4.48
N ASP A 49 6.18 -12.70 -4.86
CA ASP A 49 7.15 -13.45 -5.63
C ASP A 49 7.61 -12.72 -6.92
N PRO A 50 6.70 -12.09 -7.69
CA PRO A 50 7.25 -11.43 -8.89
C PRO A 50 8.26 -10.30 -8.59
N ASP A 51 8.10 -9.63 -7.45
CA ASP A 51 9.06 -8.57 -7.07
C ASP A 51 10.46 -9.16 -6.88
N LEU A 52 10.50 -10.33 -6.25
CA LEU A 52 11.73 -11.03 -5.94
C LEU A 52 12.35 -11.58 -7.23
N GLU A 53 11.51 -12.17 -8.08
CA GLU A 53 11.98 -12.74 -9.34
C GLU A 53 12.50 -11.69 -10.29
N TYR A 54 11.93 -10.49 -10.22
CA TYR A 54 12.40 -9.38 -11.07
C TYR A 54 13.87 -9.05 -10.77
N PHE A 55 14.26 -9.12 -9.50
CA PHE A 55 15.62 -8.74 -9.10
C PHE A 55 16.54 -9.93 -8.80
N GLY A 56 16.05 -11.13 -9.05
CA GLY A 56 16.81 -12.35 -8.87
C GLY A 56 17.12 -12.72 -7.43
N VAL A 57 16.25 -12.33 -6.51
CA VAL A 57 16.43 -12.65 -5.10
C VAL A 57 15.80 -14.00 -4.80
N ASP A 58 16.57 -14.84 -4.12
CA ASP A 58 16.11 -16.17 -3.67
C ASP A 58 15.60 -16.09 -2.23
N ILE A 59 14.29 -15.85 -2.10
CA ILE A 59 13.68 -15.68 -0.78
C ILE A 59 13.76 -16.95 0.06
N SER A 60 13.74 -18.11 -0.58
N SER A 60 13.62 -18.10 -0.60
CA SER A 60 13.86 -19.37 0.17
CA SER A 60 13.65 -19.37 0.10
C SER A 60 15.21 -19.52 0.87
C SER A 60 14.94 -19.54 0.89
N SER A 61 16.28 -19.09 0.21
N SER A 61 16.05 -19.11 0.29
CA SER A 61 17.60 -19.20 0.84
CA SER A 61 17.36 -19.28 0.91
C SER A 61 17.66 -18.25 2.03
C SER A 61 17.58 -18.29 2.05
N ILE A 62 17.00 -17.10 1.92
CA ILE A 62 16.97 -16.12 3.03
C ILE A 62 16.16 -16.69 4.21
N GLN A 63 14.98 -17.23 3.92
CA GLN A 63 14.15 -17.84 4.96
C GLN A 63 14.88 -19.00 5.66
N ALA A 64 15.51 -19.87 4.87
CA ALA A 64 16.22 -21.01 5.46
C ALA A 64 17.37 -20.54 6.34
N TYR A 65 18.07 -19.51 5.91
CA TYR A 65 19.20 -19.00 6.68
C TYR A 65 18.73 -18.41 7.98
N ALA A 66 17.65 -17.62 7.93
CA ALA A 66 17.13 -16.99 9.13
C ALA A 66 16.67 -18.01 10.16
N LYS A 67 16.10 -19.12 9.71
CA LYS A 67 15.70 -20.21 10.60
C LYS A 67 16.81 -20.86 11.43
N LYS A 68 18.06 -20.70 11.01
CA LYS A 68 19.20 -21.15 11.80
C LYS A 68 19.31 -20.45 13.15
N TYR A 69 18.69 -19.28 13.28
CA TYR A 69 18.88 -18.43 14.46
C TYR A 69 17.60 -18.34 15.25
N SER A 70 17.72 -18.27 16.57
CA SER A 70 16.55 -18.15 17.42
C SER A 70 16.24 -16.70 17.82
N ASP A 71 17.11 -15.75 17.46
CA ASP A 71 16.99 -14.35 17.91
C ASP A 71 16.53 -13.41 16.79
N ILE A 72 16.00 -13.98 15.71
CA ILE A 72 15.45 -13.18 14.62
C ILE A 72 14.36 -14.05 13.98
N GLN A 73 13.26 -13.42 13.59
CA GLN A 73 12.19 -14.10 12.88
C GLN A 73 11.97 -13.40 11.54
N HIS A 74 11.93 -14.17 10.46
CA HIS A 74 11.52 -13.67 9.14
C HIS A 74 10.04 -13.95 8.90
N ILE A 75 9.28 -12.94 8.53
CA ILE A 75 7.84 -13.05 8.29
C ILE A 75 7.53 -12.47 6.92
N ARG A 76 6.79 -13.23 6.11
CA ARG A 76 6.19 -12.74 4.87
C ARG A 76 4.72 -12.36 5.05
N CYS A 77 4.40 -11.11 4.72
CA CYS A 77 3.05 -10.61 4.69
CA CYS A 77 3.03 -10.57 4.67
C CYS A 77 2.90 -9.82 3.39
N GLU A 78 2.34 -10.46 2.37
CA GLU A 78 2.48 -9.96 1.00
C GLU A 78 1.49 -8.86 0.64
N ILE A 79 1.98 -7.84 -0.08
CA ILE A 79 1.14 -6.78 -0.67
C ILE A 79 1.57 -6.55 -2.12
N ARG A 80 0.61 -6.41 -3.04
CA ARG A 80 0.97 -6.16 -4.44
C ARG A 80 1.61 -4.79 -4.62
N ASP A 81 2.69 -4.75 -5.41
CA ASP A 81 3.32 -3.48 -5.75
C ASP A 81 2.47 -2.64 -6.74
N PHE A 82 2.69 -1.33 -6.71
CA PHE A 82 2.03 -0.39 -7.63
C PHE A 82 0.50 -0.48 -7.59
N ASP A 83 -0.02 -0.70 -6.39
CA ASP A 83 -1.44 -0.99 -6.21
C ASP A 83 -1.96 -0.40 -4.89
N ALA A 84 -2.35 0.86 -4.93
CA ALA A 84 -2.76 1.56 -3.70
C ALA A 84 -4.01 0.93 -3.15
N PHE A 85 -4.81 0.31 -4.01
CA PHE A 85 -6.04 -0.34 -3.52
C PHE A 85 -5.75 -1.59 -2.71
N ASP A 86 -4.86 -2.44 -3.24
CA ASP A 86 -4.45 -3.62 -2.50
C ASP A 86 -3.83 -3.21 -1.18
N LEU A 87 -3.06 -2.14 -1.19
CA LEU A 87 -2.49 -1.61 0.05
C LEU A 87 -3.56 -1.22 1.03
N ARG A 88 -4.54 -0.43 0.61
CA ARG A 88 -5.65 -0.09 1.50
C ARG A 88 -6.32 -1.34 2.08
N MET A 89 -6.58 -2.32 1.23
CA MET A 89 -7.30 -3.51 1.66
C MET A 89 -6.49 -4.38 2.59
N ARG A 90 -5.18 -4.41 2.42
CA ARG A 90 -4.31 -5.27 3.21
C ARG A 90 -3.82 -4.65 4.52
N LEU A 91 -3.76 -3.32 4.57
CA LEU A 91 -3.18 -2.66 5.73
C LEU A 91 -3.68 -3.19 7.09
N PRO A 92 -4.99 -3.35 7.25
CA PRO A 92 -5.47 -3.78 8.56
C PRO A 92 -4.87 -5.13 9.01
N ALA A 93 -4.97 -6.13 8.16
CA ALA A 93 -4.42 -7.46 8.48
C ALA A 93 -2.90 -7.45 8.64
N VAL A 94 -2.23 -6.70 7.77
CA VAL A 94 -0.76 -6.66 7.76
C VAL A 94 -0.26 -6.01 9.05
N VAL A 95 -0.84 -4.87 9.39
CA VAL A 95 -0.46 -4.19 10.64
C VAL A 95 -0.83 -5.04 11.87
N GLY A 96 -1.91 -5.80 11.80
CA GLY A 96 -2.21 -6.74 12.87
C GLY A 96 -1.15 -7.80 13.06
N THR A 97 -0.74 -8.42 11.98
CA THR A 97 0.39 -9.33 12.03
C THR A 97 1.66 -8.69 12.62
N LEU A 98 1.96 -7.46 12.21
CA LEU A 98 3.15 -6.74 12.66
C LEU A 98 3.00 -6.46 14.16
N TYR A 99 1.81 -6.04 14.57
CA TYR A 99 1.49 -5.75 15.95
C TYR A 99 1.78 -6.97 16.84
N LYS A 100 1.29 -8.13 16.40
CA LYS A 100 1.54 -9.35 17.17
C LYS A 100 3.04 -9.77 17.19
N ALA A 101 3.71 -9.61 16.06
CA ALA A 101 5.15 -9.91 15.96
C ALA A 101 6.02 -9.07 16.88
N VAL A 102 5.78 -7.76 16.90
CA VAL A 102 6.58 -6.86 17.72
C VAL A 102 6.34 -7.17 19.21
N LYS A 103 5.08 -7.38 19.59
CA LYS A 103 4.78 -7.78 20.98
C LYS A 103 5.54 -9.04 21.44
N ARG A 104 5.65 -10.02 20.55
CA ARG A 104 6.30 -11.29 20.85
C ARG A 104 7.82 -11.20 20.74
N ASN A 105 8.33 -10.41 19.81
CA ASN A 105 9.76 -10.45 19.48
C ASN A 105 10.59 -9.29 20.01
N GLY A 106 10.02 -8.11 20.12
CA GLY A 106 10.74 -6.96 20.61
C GLY A 106 11.95 -6.61 19.76
N GLY A 107 12.95 -6.03 20.41
CA GLY A 107 14.13 -5.51 19.72
C GLY A 107 13.78 -4.46 18.66
N VAL A 108 14.59 -4.44 17.62
CA VAL A 108 14.38 -3.58 16.45
C VAL A 108 13.57 -4.36 15.41
N THR A 109 12.64 -3.67 14.77
CA THR A 109 11.81 -4.26 13.73
C THR A 109 12.20 -3.68 12.38
N TYR A 110 12.44 -4.57 11.42
CA TYR A 110 12.88 -4.18 10.07
C TYR A 110 11.70 -4.39 9.12
N VAL A 111 11.04 -3.31 8.71
CA VAL A 111 9.90 -3.42 7.79
C VAL A 111 10.41 -3.11 6.40
N HIS A 112 10.21 -4.03 5.46
CA HIS A 112 10.75 -3.84 4.11
C HIS A 112 9.82 -4.27 2.99
N SER A 113 10.07 -3.67 1.85
CA SER A 113 9.36 -3.98 0.62
C SER A 113 10.43 -4.25 -0.44
N THR A 114 10.27 -3.78 -1.68
CA THR A 114 11.33 -3.96 -2.65
C THR A 114 12.29 -2.81 -2.50
N ALA A 115 11.76 -1.60 -2.70
CA ALA A 115 12.53 -0.36 -2.62
C ALA A 115 12.55 0.28 -1.24
N GLY A 116 11.62 -0.10 -0.37
CA GLY A 116 11.41 0.64 0.90
C GLY A 116 10.95 2.07 0.65
N MET A 117 10.20 2.25 -0.44
CA MET A 117 9.74 3.59 -0.85
CA MET A 117 9.74 3.57 -0.88
C MET A 117 8.23 3.76 -0.88
N GLY A 118 7.50 2.67 -0.83
CA GLY A 118 6.05 2.69 -0.92
C GLY A 118 5.36 1.87 0.15
N ARG A 119 5.38 0.55 -0.04
CA ARG A 119 4.64 -0.35 0.86
C ARG A 119 5.19 -0.35 2.28
N ALA A 120 6.50 -0.46 2.41
CA ALA A 120 7.13 -0.50 3.73
C ALA A 120 6.94 0.81 4.51
N PRO A 121 7.16 1.95 3.85
CA PRO A 121 6.83 3.18 4.60
C PRO A 121 5.35 3.30 4.98
N ALA A 122 4.45 2.87 4.11
CA ALA A 122 3.04 2.93 4.40
C ALA A 122 2.70 2.06 5.62
N VAL A 123 3.27 0.87 5.67
CA VAL A 123 2.98 -0.05 6.77
C VAL A 123 3.57 0.48 8.07
N ALA A 124 4.80 0.98 8.00
CA ALA A 124 5.42 1.54 9.21
C ALA A 124 4.65 2.76 9.71
N LEU A 125 4.22 3.63 8.80
CA LEU A 125 3.48 4.83 9.16
C LEU A 125 2.13 4.47 9.78
N THR A 126 1.47 3.47 9.23
CA THR A 126 0.21 3.03 9.79
C THR A 126 0.42 2.43 11.19
N TYR A 127 1.50 1.70 11.38
CA TYR A 127 1.84 1.17 12.70
C TYR A 127 2.12 2.29 13.70
N MET A 128 2.85 3.31 13.29
CA MET A 128 3.15 4.45 14.18
C MET A 128 1.84 5.12 14.59
N PHE A 129 0.93 5.29 13.61
CA PHE A 129 -0.38 5.92 13.78
C PHE A 129 -1.32 5.12 14.68
N TRP A 130 -1.58 3.86 14.34
CA TRP A 130 -2.57 3.08 15.09
C TRP A 130 -2.03 2.55 16.40
N VAL A 131 -0.77 2.17 16.43
CA VAL A 131 -0.23 1.40 17.58
C VAL A 131 0.57 2.30 18.50
N GLN A 132 1.52 3.03 17.95
CA GLN A 132 2.43 3.81 18.78
C GLN A 132 1.84 5.13 19.27
N GLY A 133 0.68 5.51 18.73
CA GLY A 133 -0.08 6.65 19.22
C GLY A 133 0.21 8.00 18.60
N TYR A 134 0.98 8.04 17.51
CA TYR A 134 1.29 9.27 16.81
C TYR A 134 0.04 9.81 16.11
N LYS A 135 -0.08 11.11 15.97
CA LYS A 135 -0.98 11.65 14.96
C LYS A 135 -0.41 11.29 13.59
N LEU A 136 -1.29 11.01 12.65
CA LEU A 136 -0.82 10.60 11.32
C LEU A 136 0.17 11.57 10.69
N MET A 137 -0.11 12.87 10.70
CA MET A 137 0.78 13.78 10.01
C MET A 137 2.07 14.06 10.82
N GLU A 138 2.01 13.83 12.14
CA GLU A 138 3.20 13.90 13.01
C GLU A 138 4.15 12.75 12.64
N ALA A 139 3.60 11.55 12.56
CA ALA A 139 4.40 10.41 12.10
C ALA A 139 4.90 10.60 10.67
N HIS A 140 4.07 11.16 9.82
CA HIS A 140 4.45 11.34 8.42
C HIS A 140 5.64 12.29 8.33
N LYS A 141 5.59 13.39 9.09
CA LYS A 141 6.70 14.37 9.06
C LYS A 141 7.98 13.75 9.52
N LEU A 142 7.89 12.93 10.56
CA LEU A 142 9.05 12.22 11.09
C LEU A 142 9.63 11.28 10.01
N LEU A 143 8.77 10.43 9.47
CA LEU A 143 9.17 9.50 8.41
C LEU A 143 9.86 10.17 7.22
N MET A 144 9.27 11.24 6.71
CA MET A 144 9.80 11.90 5.52
C MET A 144 11.16 12.54 5.81
N SER A 145 11.39 12.91 7.06
CA SER A 145 12.68 13.47 7.46
C SER A 145 13.78 12.44 7.63
N LYS A 146 13.43 11.14 7.71
CA LYS A 146 14.38 10.06 7.93
C LYS A 146 14.64 9.25 6.65
N ARG A 147 13.67 9.27 5.74
CA ARG A 147 13.78 8.49 4.53
C ARG A 147 12.84 9.02 3.47
N SER A 148 13.41 9.46 2.36
CA SER A 148 12.63 9.94 1.20
C SER A 148 11.79 8.83 0.62
N CYS A 149 10.47 9.01 0.64
CA CYS A 149 9.58 7.95 0.17
C CYS A 149 8.20 8.47 -0.27
N PHE A 150 7.30 7.55 -0.59
CA PHE A 150 5.98 7.84 -1.14
C PHE A 150 5.01 6.95 -0.35
N PRO A 151 4.62 7.40 0.85
CA PRO A 151 3.99 6.52 1.85
C PRO A 151 2.47 6.36 1.77
N LYS A 152 1.85 6.81 0.69
CA LYS A 152 0.48 6.44 0.34
C LYS A 152 -0.53 6.83 1.43
N LEU A 153 -0.54 8.12 1.77
CA LEU A 153 -1.39 8.62 2.83
C LEU A 153 -2.87 8.35 2.57
N ASP A 154 -3.30 8.41 1.31
CA ASP A 154 -4.70 8.18 1.03
C ASP A 154 -5.10 6.74 1.37
N ALA A 155 -4.22 5.78 1.07
CA ALA A 155 -4.47 4.38 1.43
C ALA A 155 -4.59 4.19 2.94
N ILE A 156 -3.74 4.87 3.68
CA ILE A 156 -3.71 4.77 5.14
C ILE A 156 -5.01 5.36 5.70
N ARG A 157 -5.39 6.54 5.23
CA ARG A 157 -6.62 7.17 5.73
C ARG A 157 -7.83 6.28 5.47
N ASN A 158 -7.93 5.75 4.26
CA ASN A 158 -9.01 4.85 3.92
C ASN A 158 -9.03 3.53 4.69
N ALA A 159 -7.86 2.94 4.96
CA ALA A 159 -7.84 1.71 5.77
C ALA A 159 -8.33 1.94 7.18
N THR A 160 -7.95 3.10 7.73
CA THR A 160 -8.38 3.48 9.04
C THR A 160 -9.90 3.61 9.06
N ILE A 161 -10.43 4.29 8.06
CA ILE A 161 -11.89 4.47 7.96
C ILE A 161 -12.60 3.11 7.76
N ASP A 162 -12.00 2.24 6.96
CA ASP A 162 -12.57 0.90 6.74
C ASP A 162 -12.74 0.10 8.07
N ILE A 163 -11.75 0.19 8.96
N ILE A 163 -11.78 0.19 8.98
CA ILE A 163 -11.81 -0.48 10.27
CA ILE A 163 -11.87 -0.54 10.25
C ILE A 163 -12.89 0.16 11.14
C ILE A 163 -12.83 0.16 11.23
N LEU A 164 -12.91 1.49 11.18
CA LEU A 164 -13.78 2.22 12.08
C LEU A 164 -15.26 2.21 11.68
N THR A 165 -15.52 2.22 10.39
CA THR A 165 -16.88 2.44 9.85
C THR A 165 -17.39 1.30 8.97
N GLY A 166 -16.50 0.45 8.46
CA GLY A 166 -16.86 -0.60 7.50
C GLY A 166 -16.76 -0.12 6.06
N LEU A 167 -16.85 -1.08 5.14
CA LEU A 167 -16.81 -0.83 3.72
C LEU A 167 -18.21 -0.86 3.13
N LYS A 168 -18.54 0.17 2.35
CA LYS A 168 -19.81 0.26 1.62
C LYS A 168 -19.48 0.39 0.15
N ARG A 169 -19.93 -0.57 -0.66
CA ARG A 169 -19.62 -0.60 -2.09
C ARG A 169 -20.82 -0.25 -2.95
N LYS A 170 -20.56 0.37 -4.10
CA LYS A 170 -21.61 0.55 -5.09
C LYS A 170 -21.04 0.34 -6.49
N THR A 171 -21.94 0.16 -7.46
CA THR A 171 -21.55 0.02 -8.87
C THR A 171 -21.11 1.35 -9.46
N VAL A 172 -19.92 1.36 -10.05
CA VAL A 172 -19.41 2.51 -10.76
C VAL A 172 -19.25 2.16 -12.22
N THR A 173 -19.73 3.06 -13.08
CA THR A 173 -19.70 2.84 -14.52
C THR A 173 -18.73 3.81 -15.17
N LEU A 174 -17.73 3.25 -15.86
CA LEU A 174 -16.78 4.05 -16.61
C LEU A 174 -17.00 3.77 -18.09
N THR A 175 -16.88 4.80 -18.91
CA THR A 175 -17.23 4.67 -20.33
C THR A 175 -16.38 5.59 -21.20
N LEU A 176 -16.11 5.13 -22.42
CA LEU A 176 -15.29 5.85 -23.37
C LEU A 176 -15.92 5.77 -24.78
N LYS A 177 -16.10 6.91 -25.43
CA LYS A 177 -16.65 6.89 -26.82
C LYS A 177 -15.67 6.19 -27.76
N ASP A 178 -16.17 5.27 -28.57
CA ASP A 178 -15.35 4.58 -29.56
C ASP A 178 -14.96 5.50 -30.72
N LYS A 179 -13.72 5.36 -31.20
CA LYS A 179 -13.25 6.06 -32.40
C LYS A 179 -12.49 5.07 -33.27
N GLY A 180 -13.14 3.94 -33.50
CA GLY A 180 -12.56 2.83 -34.27
C GLY A 180 -11.44 2.13 -33.56
N PHE A 181 -11.57 1.97 -32.25
CA PHE A 181 -10.57 1.25 -31.46
C PHE A 181 -10.77 -0.26 -31.56
N SER A 182 -9.69 -1.01 -31.50
N SER A 182 -9.69 -1.03 -31.50
CA SER A 182 -9.75 -2.47 -31.46
CA SER A 182 -9.78 -2.50 -31.46
C SER A 182 -9.83 -2.99 -30.02
C SER A 182 -9.84 -2.99 -30.01
N ARG A 183 -9.06 -2.37 -29.12
CA ARG A 183 -9.05 -2.74 -27.70
C ARG A 183 -8.98 -1.51 -26.79
N VAL A 184 -9.71 -1.58 -25.69
CA VAL A 184 -9.74 -0.54 -24.67
C VAL A 184 -9.69 -1.22 -23.31
N GLU A 185 -8.73 -0.78 -22.50
CA GLU A 185 -8.58 -1.27 -21.12
C GLU A 185 -8.44 -0.11 -20.15
N ILE A 186 -8.62 -0.42 -18.85
CA ILE A 186 -8.35 0.52 -17.80
C ILE A 186 -7.26 -0.08 -16.90
N SER A 187 -6.41 0.79 -16.43
CA SER A 187 -5.40 0.43 -15.45
C SER A 187 -5.56 1.35 -14.25
N GLY A 188 -5.04 0.91 -13.10
CA GLY A 188 -5.15 1.69 -11.89
C GLY A 188 -6.41 1.26 -11.16
N LEU A 189 -7.23 2.23 -10.73
CA LEU A 189 -8.54 1.92 -10.15
C LEU A 189 -8.36 0.89 -9.01
N ASP A 190 -9.06 -0.25 -9.04
CA ASP A 190 -8.94 -1.21 -7.95
C ASP A 190 -8.04 -2.37 -8.28
N ILE A 191 -7.29 -2.29 -9.37
CA ILE A 191 -6.43 -3.40 -9.80
C ILE A 191 -4.94 -3.07 -9.86
N GLY A 192 -4.58 -1.80 -9.75
CA GLY A 192 -3.19 -1.42 -9.76
C GLY A 192 -2.67 -1.00 -11.12
N TRP A 193 -1.53 -0.35 -11.12
CA TRP A 193 -0.98 0.22 -12.34
C TRP A 193 -0.23 -0.81 -13.17
N GLY A 194 0.01 -1.97 -12.58
CA GLY A 194 0.67 -3.07 -13.30
C GLY A 194 -0.29 -3.96 -14.06
N GLN A 195 -1.59 -3.72 -13.89
CA GLN A 195 -2.64 -4.57 -14.41
C GLN A 195 -3.61 -3.77 -15.27
N ARG A 196 -4.27 -4.46 -16.19
CA ARG A 196 -5.24 -3.86 -17.10
C ARG A 196 -6.44 -4.74 -17.16
N ILE A 197 -7.63 -4.14 -17.26
CA ILE A 197 -8.89 -4.88 -17.36
C ILE A 197 -9.61 -4.40 -18.63
N PRO A 198 -10.09 -5.33 -19.47
CA PRO A 198 -10.74 -4.90 -20.71
C PRO A 198 -12.16 -4.35 -20.52
N LEU A 199 -12.50 -3.34 -21.31
CA LEU A 199 -13.85 -2.86 -21.43
C LEU A 199 -14.53 -3.61 -22.57
N THR A 200 -15.87 -3.57 -22.56
CA THR A 200 -16.70 -4.16 -23.61
C THR A 200 -17.31 -3.06 -24.47
N LEU A 201 -17.20 -3.21 -25.80
CA LEU A 201 -17.87 -2.28 -26.70
C LEU A 201 -19.33 -2.69 -26.83
N ASP A 202 -20.22 -1.79 -26.43
CA ASP A 202 -21.65 -2.08 -26.45
C ASP A 202 -22.15 -2.21 -27.88
N LYS A 203 -22.89 -3.29 -28.15
CA LYS A 203 -23.38 -3.58 -29.50
C LYS A 203 -24.28 -2.45 -30.00
N GLY A 204 -23.79 -1.72 -31.00
CA GLY A 204 -24.53 -0.58 -31.58
C GLY A 204 -24.63 0.69 -30.75
N THR A 205 -23.89 0.78 -29.65
CA THR A 205 -23.95 1.95 -28.75
C THR A 205 -22.86 2.98 -29.06
N GLY A 206 -21.76 2.53 -29.67
CA GLY A 206 -20.63 3.41 -29.95
C GLY A 206 -19.77 3.72 -28.72
N PHE A 207 -20.01 3.00 -27.60
CA PHE A 207 -19.26 3.21 -26.34
C PHE A 207 -18.69 1.94 -25.70
N TRP A 208 -17.47 2.08 -25.19
CA TRP A 208 -16.80 1.07 -24.37
C TRP A 208 -17.25 1.29 -22.93
N ILE A 209 -17.56 0.22 -22.22
CA ILE A 209 -18.04 0.30 -20.84
C ILE A 209 -17.31 -0.66 -19.88
N LEU A 210 -17.15 -0.22 -18.64
CA LEU A 210 -16.70 -1.07 -17.52
C LEU A 210 -17.64 -0.79 -16.37
N LYS A 211 -18.12 -1.83 -15.70
CA LYS A 211 -18.80 -1.69 -14.41
C LYS A 211 -17.99 -2.39 -13.33
N ARG A 212 -17.77 -1.71 -12.21
CA ARG A 212 -17.01 -2.25 -11.09
C ARG A 212 -17.69 -1.84 -9.81
N GLU A 213 -17.66 -2.74 -8.83
CA GLU A 213 -18.08 -2.45 -7.48
C GLU A 213 -16.89 -1.90 -6.71
N LEU A 214 -17.02 -0.66 -6.25
CA LEU A 214 -15.99 0.01 -5.49
C LEU A 214 -16.52 0.52 -4.16
N PRO A 215 -15.66 0.53 -3.12
CA PRO A 215 -16.00 1.14 -1.86
C PRO A 215 -15.79 2.65 -1.95
N GLU A 216 -16.07 3.39 -0.87
CA GLU A 216 -15.94 4.83 -0.94
C GLU A 216 -14.47 5.25 -1.03
N GLY A 217 -14.24 6.35 -1.74
CA GLY A 217 -12.90 6.94 -1.86
C GLY A 217 -12.74 7.54 -3.24
N GLN A 218 -11.52 7.98 -3.55
CA GLN A 218 -11.25 8.55 -4.87
C GLN A 218 -10.19 7.72 -5.56
N PHE A 219 -10.52 7.21 -6.72
CA PHE A 219 -9.70 6.22 -7.41
C PHE A 219 -9.19 6.74 -8.75
N GLU A 220 -7.89 6.92 -8.84
CA GLU A 220 -7.28 7.34 -10.09
C GLU A 220 -7.12 6.15 -11.02
N TYR A 221 -7.35 6.41 -12.31
CA TYR A 221 -7.27 5.37 -13.31
C TYR A 221 -6.95 6.04 -14.63
N LYS A 222 -6.64 5.23 -15.61
CA LYS A 222 -6.30 5.71 -16.93
C LYS A 222 -6.67 4.66 -17.94
N TYR A 223 -6.92 5.09 -19.17
CA TYR A 223 -7.28 4.18 -20.24
C TYR A 223 -6.04 3.77 -21.03
N ILE A 224 -6.06 2.56 -21.55
CA ILE A 224 -5.09 2.10 -22.52
C ILE A 224 -5.90 1.82 -23.79
N ILE A 225 -5.69 2.64 -24.82
CA ILE A 225 -6.49 2.56 -26.06
C ILE A 225 -5.58 2.04 -27.16
N ASP A 226 -5.83 0.84 -27.66
CA ASP A 226 -4.92 0.18 -28.60
C ASP A 226 -3.47 0.35 -28.16
N GLY A 227 -3.21 0.06 -26.88
CA GLY A 227 -1.85 0.06 -26.33
C GLY A 227 -1.29 1.41 -25.89
N GLU A 228 -2.04 2.49 -26.08
CA GLU A 228 -1.59 3.82 -25.76
C GLU A 228 -2.29 4.36 -24.50
N TRP A 229 -1.49 4.80 -23.53
CA TRP A 229 -2.01 5.37 -22.29
C TRP A 229 -2.65 6.73 -22.60
N THR A 230 -3.90 6.90 -22.19
CA THR A 230 -4.67 8.08 -22.51
C THR A 230 -5.61 8.40 -21.36
N HIS A 231 -5.72 9.67 -20.98
CA HIS A 231 -6.81 10.09 -20.09
C HIS A 231 -7.99 10.56 -20.95
N ASN A 232 -9.17 10.21 -20.49
CA ASN A 232 -10.40 10.53 -21.16
C ASN A 232 -10.79 11.97 -20.83
N GLU A 233 -10.83 12.84 -21.84
CA GLU A 233 -11.26 14.22 -21.62
C GLU A 233 -12.73 14.39 -21.18
N ALA A 234 -13.55 13.38 -21.45
CA ALA A 234 -14.98 13.38 -21.09
C ALA A 234 -15.28 12.84 -19.70
N GLU A 235 -14.24 12.46 -18.93
CA GLU A 235 -14.42 12.07 -17.53
C GLU A 235 -13.52 12.93 -16.62
N PRO A 236 -13.84 12.97 -15.31
CA PRO A 236 -13.03 13.80 -14.40
C PRO A 236 -11.57 13.41 -14.44
N PHE A 237 -10.69 14.41 -14.42
CA PHE A 237 -9.26 14.12 -14.41
C PHE A 237 -8.50 15.09 -13.55
N ILE A 238 -7.31 14.67 -13.16
CA ILE A 238 -6.47 15.41 -12.22
C ILE A 238 -5.03 15.34 -12.71
N GLY A 239 -4.30 16.44 -12.53
CA GLY A 239 -2.91 16.52 -12.96
C GLY A 239 -2.69 17.75 -13.81
N PRO A 240 -1.48 17.89 -14.38
CA PRO A 240 -0.35 16.94 -14.24
C PRO A 240 0.16 16.85 -12.81
N ASN A 241 0.49 15.64 -12.39
CA ASN A 241 1.08 15.41 -11.07
C ASN A 241 2.58 15.70 -11.15
N LYS A 242 3.29 15.43 -10.05
CA LYS A 242 4.75 15.61 -9.98
C LYS A 242 5.47 15.05 -11.20
N ASP A 243 5.09 13.83 -11.57
CA ASP A 243 5.74 13.07 -12.63
C ASP A 243 5.29 13.48 -14.03
N GLY A 244 4.37 14.45 -14.10
CA GLY A 244 3.91 15.00 -15.37
C GLY A 244 2.79 14.18 -15.98
N HIS A 245 2.12 13.39 -15.14
CA HIS A 245 1.06 12.50 -15.62
C HIS A 245 -0.33 12.95 -15.17
N THR A 246 -1.27 12.83 -16.10
CA THR A 246 -2.66 13.19 -15.85
C THR A 246 -3.48 11.90 -15.85
N ASN A 247 -4.24 11.71 -14.77
CA ASN A 247 -5.08 10.52 -14.59
C ASN A 247 -6.55 10.93 -14.51
N ASN A 248 -7.44 10.07 -14.99
CA ASN A 248 -8.86 10.20 -14.63
C ASN A 248 -9.02 9.80 -13.17
N TYR A 249 -10.14 10.18 -12.57
CA TYR A 249 -10.48 9.65 -11.26
C TYR A 249 -11.97 9.40 -11.14
N ALA A 250 -12.31 8.44 -10.28
CA ALA A 250 -13.68 8.13 -9.93
C ALA A 250 -13.80 8.47 -8.45
N LYS A 251 -14.66 9.42 -8.11
CA LYS A 251 -14.94 9.74 -6.70
C LYS A 251 -16.22 9.03 -6.29
N VAL A 252 -16.12 8.11 -5.33
CA VAL A 252 -17.23 7.28 -4.89
C VAL A 252 -17.64 7.70 -3.48
N VAL A 253 -18.91 8.09 -3.31
CA VAL A 253 -19.42 8.63 -2.04
C VAL A 253 -20.76 7.99 -1.71
N ASP A 254 -20.92 7.52 -0.47
CA ASP A 254 -22.18 6.91 -0.02
C ASP A 254 -23.18 8.00 0.38
N ASP A 255 -22.99 8.60 1.56
CA ASP A 255 -23.93 9.61 2.08
C ASP A 255 -23.25 10.55 3.07
N PRO A 256 -22.78 11.72 2.60
CA PRO A 256 -22.02 12.66 3.44
C PRO A 256 -22.73 13.14 4.72
N THR A 257 -24.06 13.11 4.74
CA THR A 257 -24.84 13.60 5.89
C THR A 257 -25.11 12.52 6.94
N SER A 258 -24.87 11.25 6.60
CA SER A 258 -25.02 10.16 7.55
C SER A 258 -23.95 10.23 8.65
N VAL A 259 -24.15 9.46 9.71
CA VAL A 259 -23.18 9.42 10.80
C VAL A 259 -21.82 8.90 10.32
N ASP A 260 -21.86 7.86 9.50
CA ASP A 260 -20.62 7.28 8.95
C ASP A 260 -19.97 8.22 7.94
N GLY A 261 -20.80 8.95 7.19
CA GLY A 261 -20.32 9.93 6.22
C GLY A 261 -19.66 11.14 6.88
N THR A 262 -20.24 11.58 7.98
CA THR A 262 -19.65 12.64 8.78
C THR A 262 -18.29 12.20 9.36
N THR A 263 -18.18 10.96 9.84
CA THR A 263 -16.91 10.40 10.31
C THR A 263 -15.87 10.30 9.20
N ARG A 264 -16.27 9.79 8.05
CA ARG A 264 -15.37 9.71 6.89
C ARG A 264 -14.81 11.10 6.54
N GLU A 265 -15.65 12.11 6.56
CA GLU A 265 -15.19 13.47 6.21
C GLU A 265 -14.11 13.94 7.20
N ARG A 266 -14.35 13.75 8.49
CA ARG A 266 -13.36 14.10 9.51
C ARG A 266 -12.05 13.33 9.32
N LEU A 267 -12.15 12.03 9.04
CA LEU A 267 -10.98 11.20 8.91
C LEU A 267 -10.27 11.31 7.55
N SER A 268 -10.90 12.00 6.60
CA SER A 268 -10.31 12.25 5.30
C SER A 268 -9.56 13.58 5.24
N SER A 269 -9.58 14.37 6.32
N SER A 269 -9.57 14.32 6.34
CA SER A 269 -8.85 15.62 6.31
CA SER A 269 -8.80 15.56 6.48
C SER A 269 -7.37 15.25 6.39
C SER A 269 -7.33 15.22 6.34
N GLU A 270 -6.49 16.22 6.11
CA GLU A 270 -5.04 15.96 6.02
C GLU A 270 -4.50 15.25 7.26
N ASP A 271 -4.80 15.82 8.44
CA ASP A 271 -4.41 15.19 9.70
C ASP A 271 -5.67 14.76 10.42
N PRO A 272 -6.10 13.52 10.20
CA PRO A 272 -7.32 13.05 10.79
C PRO A 272 -7.18 12.81 12.29
N GLU A 273 -7.86 13.63 13.09
CA GLU A 273 -7.82 13.46 14.54
C GLU A 273 -8.69 12.29 14.96
N LEU A 274 -8.08 11.25 15.52
CA LEU A 274 -8.81 10.13 16.08
C LEU A 274 -9.38 10.45 17.46
N LEU A 275 -10.64 10.11 17.68
CA LEU A 275 -11.18 10.02 19.04
C LEU A 275 -10.48 8.92 19.78
N GLU A 276 -10.41 9.00 21.14
CA GLU A 276 -9.85 7.92 21.89
C GLU A 276 -10.69 6.63 21.76
N GLU A 277 -12.01 6.75 21.66
CA GLU A 277 -12.83 5.55 21.40
C GLU A 277 -12.46 4.89 20.05
N GLU A 278 -12.08 5.71 19.09
CA GLU A 278 -11.59 5.19 17.76
C GLU A 278 -10.22 4.51 17.89
N ARG A 279 -9.31 5.10 18.66
CA ARG A 279 -8.06 4.42 18.93
C ARG A 279 -8.27 3.06 19.60
N SER A 280 -9.19 3.01 20.57
CA SER A 280 -9.45 1.77 21.28
C SER A 280 -10.01 0.74 20.29
N LYS A 281 -10.84 1.19 19.35
CA LYS A 281 -11.43 0.31 18.35
C LYS A 281 -10.39 -0.24 17.37
N LEU A 282 -9.41 0.57 17.02
CA LEU A 282 -8.34 0.09 16.13
C LEU A 282 -7.54 -1.00 16.84
N ILE A 283 -7.20 -0.77 18.11
CA ILE A 283 -6.48 -1.77 18.87
C ILE A 283 -7.30 -3.04 19.06
N GLN A 284 -8.60 -2.90 19.32
CA GLN A 284 -9.48 -4.08 19.39
C GLN A 284 -9.36 -4.96 18.13
N PHE A 285 -9.40 -4.34 16.97
CA PHE A 285 -9.24 -5.03 15.72
C PHE A 285 -7.86 -5.70 15.67
N LEU A 286 -6.80 -4.96 15.94
CA LEU A 286 -5.47 -5.57 15.89
C LEU A 286 -5.34 -6.81 16.77
N GLU A 287 -5.94 -6.76 17.95
CA GLU A 287 -5.86 -7.87 18.90
C GLU A 287 -6.52 -9.16 18.39
N THR A 288 -7.47 -9.03 17.47
CA THR A 288 -8.15 -10.19 16.87
C THR A 288 -7.32 -10.85 15.78
N CYS A 289 -6.28 -10.17 15.32
CA CYS A 289 -5.54 -10.66 14.16
C CYS A 289 -4.62 -11.83 14.51
N SER A 290 -4.58 -12.82 13.64
CA SER A 290 -3.73 -13.98 13.88
C SER A 290 -2.25 -13.64 13.71
N GLU A 291 -1.45 -14.32 14.52
CA GLU A 291 0.00 -14.18 14.43
C GLU A 291 0.51 -14.90 13.18
N ALA A 292 1.64 -14.41 12.64
CA ALA A 292 2.31 -15.04 11.50
C ALA A 292 2.42 -16.54 11.73
N GLU A 293 2.10 -17.29 10.66
CA GLU A 293 2.00 -18.76 10.64
C GLU A 293 0.66 -19.25 11.20
#